data_6YTB
#
_entry.id   6YTB
#
_cell.length_a   49.158
_cell.length_b   75.218
_cell.length_c   149.476
_cell.angle_alpha   90.000
_cell.angle_beta   90.000
_cell.angle_gamma   90.000
#
_symmetry.space_group_name_H-M   'P 21 21 21'
#
loop_
_entity.id
_entity.type
_entity.pdbx_description
1 polymer 'Immunoglobulin gamma-1 heavy chain'
2 polymer 'Immunoglobulin gamma-1 heavy chain'
3 branched beta-D-galactopyranose-(1-4)-2-acetamido-2-deoxy-beta-D-glucopyranose-(1-2)-alpha-D-mannopyranose-(1-6)-[alpha-D-mannopyranose-(1-3)]beta-D-mannopyranose-(1-4)-2-acetamido-2-deoxy-beta-D-glucopyranose-(1-4)-[alpha-L-fucopyranose-(1-6)]2-acetamido-2-deoxy-beta-D-glucopyranose
4 water water
#
loop_
_entity_poly.entity_id
_entity_poly.type
_entity_poly.pdbx_seq_one_letter_code
_entity_poly.pdbx_strand_id
1 'polypeptide(L)'
;DKTHTCPPCPAPELLGGPSVFLFPPKPKDTLMISRTPEVTCVVVDVSHEDPEVKFNWYVDGVEVHNAKTKPREEQYNSTY
RVVSVLTVLHQDWLNGKEYKCKVSNKALPAPIEKTISKAKGQPREPQVYTLPPSRDELTKNQVSLWCLVEGFYPSDIAVE
WESNGQPENNYKTTPPVLDSDGSFFLYSKLTVDKSRWQQGNVFSCSVMHEALHNHYTQKSLSLSPGKGGGGSHHHHHHHH
;
A
2 'polypeptide(L)'
;DKTHTCPPCPAPELLGGPSVFLFPPKPKDTLMISRTPEVTCVVVDVSHEDPEVKFNWYVDGVEVHNAKTKPREEQYNSTY
RVVSVLTVLHQDWLNGKEYKCKVSNKALPAPIEKTISKAKGQPREPQVYTLPPSRDKLTKNQVSLSCAVKGFYPSDIAVE
WESNGQPENNYKTTPPVLDSDGSFFLVSKLTVDKSRWQQGNVFSCSVMHEALHNHYTQKSLSLSPGKGGGGSHHHHHHHH
;
B
#
loop_
_chem_comp.id
_chem_comp.type
_chem_comp.name
_chem_comp.formula
BMA D-saccharide, beta linking beta-D-mannopyranose 'C6 H12 O6'
FUC L-saccharide, alpha linking alpha-L-fucopyranose 'C6 H12 O5'
GAL D-saccharide, beta linking beta-D-galactopyranose 'C6 H12 O6'
MAN D-saccharide, alpha linking alpha-D-mannopyranose 'C6 H12 O6'
NAG D-saccharide, beta linking 2-acetamido-2-deoxy-beta-D-glucopyranose 'C8 H15 N O6'
#
# COMPACT_ATOMS: atom_id res chain seq x y z
N GLY A 17 29.57 -14.56 -2.35
CA GLY A 17 29.48 -14.44 -3.79
C GLY A 17 28.50 -13.38 -4.23
N PRO A 18 28.45 -13.10 -5.53
CA PRO A 18 27.59 -12.02 -6.03
C PRO A 18 26.12 -12.39 -6.00
N SER A 19 25.30 -11.35 -6.03
CA SER A 19 23.85 -11.48 -6.04
C SER A 19 23.26 -10.97 -7.35
N VAL A 20 22.09 -11.51 -7.70
CA VAL A 20 21.44 -11.24 -8.98
C VAL A 20 19.99 -10.87 -8.71
N PHE A 21 19.53 -9.81 -9.37
CA PHE A 21 18.14 -9.39 -9.26
C PHE A 21 17.60 -9.13 -10.66
N LEU A 22 16.42 -9.70 -10.95
CA LEU A 22 15.85 -9.72 -12.29
C LEU A 22 14.57 -8.90 -12.29
N PHE A 23 14.48 -7.93 -13.19
CA PHE A 23 13.40 -6.97 -13.11
C PHE A 23 12.55 -6.95 -14.38
N PRO A 24 11.23 -6.79 -14.24
CA PRO A 24 10.33 -6.90 -15.42
C PRO A 24 10.29 -5.60 -16.18
N PRO A 25 9.69 -5.58 -17.36
CA PRO A 25 9.43 -4.31 -18.05
C PRO A 25 8.40 -3.50 -17.28
N LYS A 26 8.35 -2.23 -17.64
CA LYS A 26 7.31 -1.36 -17.14
C LYS A 26 5.99 -1.73 -17.80
N PRO A 27 4.89 -1.75 -17.05
CA PRO A 27 3.58 -2.09 -17.66
C PRO A 27 3.30 -1.29 -18.91
N LYS A 28 3.50 0.03 -18.86
CA LYS A 28 3.18 0.86 -20.01
C LYS A 28 3.99 0.46 -21.23
N ASP A 29 5.25 0.00 -21.02
CA ASP A 29 6.07 -0.44 -22.14
C ASP A 29 5.55 -1.71 -22.78
N THR A 30 4.98 -2.63 -22.00
CA THR A 30 4.45 -3.84 -22.63
C THR A 30 3.10 -3.59 -23.29
N LEU A 31 2.39 -2.54 -22.91
CA LEU A 31 1.03 -2.38 -23.38
C LEU A 31 0.93 -1.47 -24.60
N MET A 32 1.89 -0.55 -24.78
CA MET A 32 1.87 0.39 -25.89
CA MET A 32 1.88 0.38 -25.90
C MET A 32 2.86 -0.11 -26.96
N ILE A 33 2.36 -0.36 -28.15
CA ILE A 33 3.18 -0.98 -29.19
C ILE A 33 4.33 -0.06 -29.62
N SER A 34 4.17 1.26 -29.45
CA SER A 34 5.26 2.18 -29.78
C SER A 34 6.46 2.07 -28.85
N ARG A 35 6.28 1.51 -27.64
CA ARG A 35 7.31 1.53 -26.63
C ARG A 35 8.13 0.25 -26.71
N THR A 36 9.27 0.24 -26.06
CA THR A 36 10.14 -0.94 -26.06
C THR A 36 10.36 -1.52 -24.68
N PRO A 37 9.70 -2.62 -24.38
CA PRO A 37 9.84 -3.23 -23.05
C PRO A 37 11.13 -4.03 -22.96
N GLU A 38 11.70 -4.04 -21.76
CA GLU A 38 12.99 -4.68 -21.48
C GLU A 38 12.90 -5.45 -20.18
N VAL A 39 13.56 -6.62 -20.12
CA VAL A 39 13.83 -7.29 -18.86
C VAL A 39 15.28 -7.01 -18.49
N THR A 40 15.55 -6.80 -17.21
CA THR A 40 16.86 -6.31 -16.76
C THR A 40 17.44 -7.23 -15.70
N CYS A 41 18.62 -7.78 -15.98
CA CYS A 41 19.31 -8.65 -15.04
C CYS A 41 20.45 -7.85 -14.44
N VAL A 42 20.45 -7.73 -13.11
CA VAL A 42 21.40 -6.90 -12.38
C VAL A 42 22.20 -7.79 -11.46
N VAL A 43 23.53 -7.73 -11.58
CA VAL A 43 24.42 -8.52 -10.72
C VAL A 43 25.18 -7.55 -9.82
N VAL A 44 25.09 -7.77 -8.51
CA VAL A 44 25.77 -6.90 -7.55
C VAL A 44 26.80 -7.71 -6.79
N ASP A 45 27.74 -6.99 -6.17
CA ASP A 45 28.84 -7.59 -5.42
C ASP A 45 29.70 -8.46 -6.33
N VAL A 46 30.16 -7.87 -7.41
CA VAL A 46 31.16 -8.49 -8.28
C VAL A 46 32.51 -7.92 -7.85
N SER A 47 33.30 -8.74 -7.17
CA SER A 47 34.56 -8.26 -6.62
C SER A 47 35.66 -8.35 -7.67
N HIS A 48 36.75 -7.66 -7.36
CA HIS A 48 37.84 -7.45 -8.30
C HIS A 48 38.50 -8.78 -8.63
N GLU A 49 38.68 -9.58 -7.60
CA GLU A 49 39.29 -10.90 -7.69
C GLU A 49 38.74 -11.70 -8.86
N ASP A 50 37.45 -11.52 -9.18
CA ASP A 50 36.81 -12.18 -10.31
C ASP A 50 35.78 -11.19 -10.88
N PRO A 51 36.12 -10.45 -11.92
CA PRO A 51 35.23 -9.39 -12.43
C PRO A 51 34.34 -9.79 -13.60
N GLU A 52 34.37 -11.04 -14.02
CA GLU A 52 33.91 -11.37 -15.36
C GLU A 52 32.61 -12.10 -15.18
N VAL A 53 31.56 -11.62 -15.83
CA VAL A 53 30.26 -12.22 -15.64
C VAL A 53 29.75 -12.67 -16.99
N LYS A 54 29.18 -13.86 -17.03
CA LYS A 54 28.57 -14.37 -18.25
C LYS A 54 27.07 -14.48 -18.04
N PHE A 55 26.32 -13.97 -19.01
CA PHE A 55 24.86 -14.01 -19.00
C PHE A 55 24.39 -14.97 -20.08
N ASN A 56 23.61 -15.97 -19.70
CA ASN A 56 22.82 -16.75 -20.63
C ASN A 56 21.34 -16.42 -20.40
N TRP A 57 20.64 -16.08 -21.49
CA TRP A 57 19.24 -15.69 -21.46
C TRP A 57 18.40 -16.73 -22.18
N TYR A 58 17.22 -17.00 -21.64
CA TYR A 58 16.32 -18.01 -22.18
C TYR A 58 14.92 -17.46 -22.17
N VAL A 59 14.18 -17.72 -23.25
CA VAL A 59 12.75 -17.44 -23.31
C VAL A 59 12.03 -18.78 -23.39
N ASP A 60 11.24 -19.08 -22.36
CA ASP A 60 10.52 -20.34 -22.24
C ASP A 60 11.48 -21.53 -22.35
N GLY A 61 12.68 -21.39 -21.78
CA GLY A 61 13.68 -22.43 -21.80
C GLY A 61 14.52 -22.51 -23.06
N VAL A 62 14.20 -21.73 -24.07
CA VAL A 62 14.96 -21.69 -25.33
C VAL A 62 15.93 -20.53 -25.24
N GLU A 63 17.23 -20.81 -25.37
CA GLU A 63 18.21 -19.74 -25.27
C GLU A 63 18.07 -18.73 -26.41
N VAL A 64 18.28 -17.45 -26.08
CA VAL A 64 18.26 -16.36 -27.04
C VAL A 64 19.56 -15.58 -26.87
N HIS A 65 19.92 -14.83 -27.90
CA HIS A 65 21.29 -14.34 -28.01
C HIS A 65 21.39 -12.83 -28.16
N ASN A 66 20.27 -12.11 -28.11
CA ASN A 66 20.23 -10.70 -28.46
C ASN A 66 20.26 -9.79 -27.24
N ALA A 67 20.65 -10.29 -26.07
CA ALA A 67 20.79 -9.42 -24.92
C ALA A 67 21.99 -8.51 -25.09
N LYS A 68 21.96 -7.39 -24.39
CA LYS A 68 23.02 -6.39 -24.50
C LYS A 68 23.55 -6.12 -23.09
N THR A 69 24.83 -6.40 -22.88
CA THR A 69 25.43 -6.30 -21.56
C THR A 69 26.22 -5.01 -21.45
N LYS A 70 25.97 -4.26 -20.40
CA LYS A 70 26.47 -2.91 -20.28
C LYS A 70 27.86 -2.90 -19.65
N PRO A 71 28.64 -1.82 -19.88
CA PRO A 71 29.95 -1.72 -19.22
C PRO A 71 29.81 -1.73 -17.72
N ARG A 72 30.23 -2.84 -17.12
CA ARG A 72 30.25 -2.99 -15.68
C ARG A 72 30.99 -1.84 -15.00
N GLU A 73 30.45 -1.42 -13.85
CA GLU A 73 30.61 -0.09 -13.27
C GLU A 73 30.81 -0.18 -11.76
N GLU A 74 31.74 0.61 -11.22
CA GLU A 74 32.27 0.29 -9.90
C GLU A 74 31.46 1.09 -8.89
N GLN A 75 31.14 0.49 -7.76
CA GLN A 75 30.30 1.18 -6.77
C GLN A 75 31.12 1.64 -5.58
N TYR A 76 30.46 2.40 -4.69
CA TYR A 76 31.19 3.00 -3.57
C TYR A 76 31.59 1.98 -2.51
N ASN A 77 30.86 0.87 -2.36
CA ASN A 77 31.40 -0.18 -1.52
C ASN A 77 32.53 -0.88 -2.28
N SER A 78 32.98 -0.23 -3.35
CA SER A 78 34.20 -0.52 -4.10
C SER A 78 34.16 -1.88 -4.79
N THR A 79 32.98 -2.44 -5.00
CA THR A 79 32.83 -3.62 -5.83
C THR A 79 32.06 -3.26 -7.09
N TYR A 80 31.76 -4.27 -7.92
CA TYR A 80 31.25 -4.03 -9.26
C TYR A 80 29.76 -4.35 -9.37
N ARG A 81 29.13 -3.75 -10.39
CA ARG A 81 27.72 -3.92 -10.69
C ARG A 81 27.58 -4.10 -12.20
N VAL A 82 27.04 -5.23 -12.62
CA VAL A 82 26.95 -5.60 -14.03
C VAL A 82 25.49 -5.78 -14.41
N VAL A 83 25.12 -5.27 -15.58
CA VAL A 83 23.72 -5.21 -16.01
C VAL A 83 23.61 -5.73 -17.45
N SER A 84 22.77 -6.74 -17.66
CA SER A 84 22.37 -7.17 -18.99
C SER A 84 20.90 -6.84 -19.20
N VAL A 85 20.58 -6.38 -20.40
CA VAL A 85 19.23 -5.93 -20.77
C VAL A 85 18.77 -6.73 -21.98
N LEU A 86 17.59 -7.35 -21.87
CA LEU A 86 17.01 -8.11 -22.96
C LEU A 86 15.72 -7.44 -23.41
N THR A 87 15.69 -7.01 -24.67
CA THR A 87 14.44 -6.53 -25.27
C THR A 87 13.46 -7.69 -25.40
N VAL A 88 12.22 -7.46 -25.00
CA VAL A 88 11.20 -8.48 -25.11
C VAL A 88 10.17 -8.01 -26.13
N LEU A 89 9.55 -8.99 -26.79
CA LEU A 89 8.40 -8.73 -27.65
C LEU A 89 7.16 -8.55 -26.80
N HIS A 90 6.36 -7.51 -27.10
CA HIS A 90 5.19 -7.21 -26.30
C HIS A 90 4.32 -8.45 -26.14
N GLN A 91 4.03 -9.13 -27.25
CA GLN A 91 3.09 -10.23 -27.17
C GLN A 91 3.67 -11.44 -26.45
N ASP A 92 5.00 -11.65 -26.51
CA ASP A 92 5.62 -12.71 -25.70
C ASP A 92 5.39 -12.46 -24.21
N TRP A 93 5.70 -11.26 -23.74
CA TRP A 93 5.47 -10.94 -22.34
C TRP A 93 4.00 -11.13 -21.98
N LEU A 94 3.08 -10.57 -22.78
CA LEU A 94 1.67 -10.65 -22.47
C LEU A 94 1.15 -12.09 -22.54
N ASN A 95 1.77 -12.93 -23.39
CA ASN A 95 1.34 -14.32 -23.51
C ASN A 95 1.95 -15.21 -22.44
N GLY A 96 2.66 -14.63 -21.48
CA GLY A 96 3.09 -15.36 -20.31
C GLY A 96 4.40 -16.08 -20.45
N LYS A 97 5.20 -15.77 -21.46
CA LYS A 97 6.48 -16.44 -21.60
C LYS A 97 7.38 -16.11 -20.41
N GLU A 98 8.28 -17.06 -20.10
CA GLU A 98 9.19 -16.97 -18.97
C GLU A 98 10.57 -16.54 -19.44
N TYR A 99 11.15 -15.56 -18.72
CA TYR A 99 12.46 -14.99 -19.06
C TYR A 99 13.45 -15.39 -17.98
N LYS A 100 14.46 -16.17 -18.35
CA LYS A 100 15.45 -16.67 -17.41
C LYS A 100 16.80 -16.01 -17.67
N CYS A 101 17.38 -15.45 -16.61
CA CYS A 101 18.73 -14.94 -16.59
C CYS A 101 19.62 -15.94 -15.85
N LYS A 102 20.74 -16.30 -16.47
CA LYS A 102 21.73 -17.16 -15.84
C LYS A 102 23.03 -16.40 -15.77
N VAL A 103 23.58 -16.27 -14.56
CA VAL A 103 24.73 -15.42 -14.29
C VAL A 103 25.87 -16.31 -13.85
N SER A 104 27.00 -16.23 -14.55
CA SER A 104 28.16 -17.08 -14.30
C SER A 104 29.35 -16.22 -13.92
N ASN A 105 30.02 -16.61 -12.84
CA ASN A 105 31.18 -15.89 -12.34
C ASN A 105 32.11 -16.88 -11.67
N LYS A 106 33.43 -16.67 -11.82
CA LYS A 106 34.39 -17.55 -11.13
C LYS A 106 34.03 -17.73 -9.67
N ALA A 107 33.70 -16.65 -8.98
CA ALA A 107 33.40 -16.65 -7.57
C ALA A 107 32.08 -17.34 -7.21
N LEU A 108 31.31 -17.97 -8.14
CA LEU A 108 30.12 -18.63 -7.61
C LEU A 108 30.34 -20.12 -7.50
N PRO A 109 29.81 -20.73 -6.43
CA PRO A 109 29.69 -22.20 -6.39
C PRO A 109 29.04 -22.78 -7.64
N ALA A 110 27.92 -22.23 -8.05
CA ALA A 110 27.18 -22.59 -9.25
C ALA A 110 26.63 -21.31 -9.86
N PRO A 111 26.23 -21.33 -11.13
CA PRO A 111 25.60 -20.15 -11.70
C PRO A 111 24.29 -19.82 -10.99
N ILE A 112 23.96 -18.53 -10.97
CA ILE A 112 22.69 -18.07 -10.40
C ILE A 112 21.66 -18.03 -11.52
N GLU A 113 20.47 -18.56 -11.25
CA GLU A 113 19.38 -18.59 -12.20
C GLU A 113 18.20 -17.83 -11.60
N LYS A 114 17.71 -16.82 -12.32
CA LYS A 114 16.51 -16.09 -11.94
C LYS A 114 15.55 -16.12 -13.11
N THR A 115 14.27 -16.37 -12.83
CA THR A 115 13.23 -16.41 -13.84
C THR A 115 12.11 -15.44 -13.49
N ILE A 116 11.56 -14.77 -14.50
CA ILE A 116 10.48 -13.82 -14.28
C ILE A 116 9.49 -13.93 -15.45
N SER A 117 8.23 -13.62 -15.15
CA SER A 117 7.19 -13.58 -16.18
C SER A 117 6.07 -12.66 -15.67
N LYS A 118 5.14 -12.37 -16.55
CA LYS A 118 3.98 -11.59 -16.19
C LYS A 118 3.21 -12.26 -15.07
N ALA A 119 2.67 -11.45 -14.17
CA ALA A 119 1.75 -11.95 -13.15
C ALA A 119 0.71 -12.86 -13.78
N LYS A 120 0.53 -14.05 -13.20
CA LYS A 120 -0.42 -15.01 -13.73
C LYS A 120 -1.83 -14.70 -13.25
N GLY A 121 -2.81 -15.20 -13.99
CA GLY A 121 -4.21 -15.17 -13.58
C GLY A 121 -5.10 -14.70 -14.70
N GLN A 122 -6.37 -15.13 -14.64
CA GLN A 122 -7.32 -14.77 -15.68
C GLN A 122 -7.50 -13.26 -15.74
N PRO A 123 -7.24 -12.63 -16.89
CA PRO A 123 -7.39 -11.16 -16.97
C PRO A 123 -8.83 -10.72 -16.71
N ARG A 124 -8.96 -9.52 -16.12
CA ARG A 124 -10.26 -8.93 -15.91
C ARG A 124 -10.19 -7.44 -16.23
N GLU A 125 -11.21 -6.97 -16.94
CA GLU A 125 -11.20 -5.63 -17.51
C GLU A 125 -11.40 -4.56 -16.44
N PRO A 126 -10.53 -3.53 -16.37
CA PRO A 126 -10.77 -2.42 -15.45
C PRO A 126 -12.05 -1.67 -15.82
N GLN A 127 -12.79 -1.32 -14.79
CA GLN A 127 -13.92 -0.41 -14.86
C GLN A 127 -13.42 0.94 -14.36
N VAL A 128 -13.53 1.97 -15.19
CA VAL A 128 -12.93 3.27 -14.90
C VAL A 128 -14.03 4.30 -14.69
N TYR A 129 -13.98 4.99 -13.54
CA TYR A 129 -15.00 5.97 -13.17
C TYR A 129 -14.33 7.26 -12.71
N THR A 130 -14.71 8.39 -13.28
CA THR A 130 -14.24 9.66 -12.76
C THR A 130 -15.28 10.23 -11.80
N LEU A 131 -14.80 10.80 -10.70
CA LEU A 131 -15.66 11.34 -9.65
C LEU A 131 -15.32 12.82 -9.42
N PRO A 132 -16.31 13.72 -9.50
CA PRO A 132 -16.02 15.16 -9.35
C PRO A 132 -15.68 15.48 -7.91
N PRO A 133 -15.19 16.69 -7.63
CA PRO A 133 -14.87 17.05 -6.24
C PRO A 133 -16.11 17.07 -5.37
N SER A 134 -15.89 16.87 -4.07
CA SER A 134 -16.96 17.05 -3.09
C SER A 134 -17.32 18.53 -2.97
N ARG A 135 -18.59 18.80 -2.64
CA ARG A 135 -19.06 20.16 -2.33
C ARG A 135 -18.21 20.88 -1.28
N ASP A 136 -18.29 20.42 -0.03
CA ASP A 136 -17.24 20.46 0.99
C ASP A 136 -15.93 21.15 0.58
N GLU A 137 -15.26 20.60 -0.45
CA GLU A 137 -13.92 21.02 -0.85
C GLU A 137 -13.90 22.31 -1.66
N LYS A 137 -15.21 20.62 -0.42
CA LYS A 137 -13.87 21.15 -0.71
C LYS A 137 -13.89 22.37 -1.65
N LEU A 138 -15.05 22.76 -2.19
CA LEU A 138 -15.10 23.93 -3.12
C LEU A 138 -14.74 25.16 -2.50
N THR A 139 -14.43 25.06 -1.22
CA THR A 139 -13.90 26.24 -0.53
C THR A 139 -12.37 26.29 -0.27
N LYS A 140 -11.50 25.53 -0.89
CA LYS A 140 -10.17 25.95 -0.56
C LYS A 140 -9.76 26.75 -1.78
N ASN A 141 -8.52 26.60 -2.21
CA ASN A 141 -8.28 27.07 -3.53
C ASN A 141 -7.92 25.97 -4.52
N GLN A 142 -7.79 24.71 -4.11
CA GLN A 142 -7.58 23.60 -5.04
C GLN A 142 -8.70 22.59 -4.81
N VAL A 143 -9.00 21.79 -5.84
CA VAL A 143 -9.97 20.71 -5.70
C VAL A 143 -9.30 19.40 -6.10
N SER A 144 -9.91 18.31 -5.65
CA SER A 144 -9.40 16.97 -5.90
C SER A 144 -10.37 16.29 -6.86
N LEU A 145 -9.84 15.85 -8.01
CA LEU A 145 -10.57 15.04 -8.99
C LEU A 145 -10.12 13.60 -8.82
N TRP A 146 -11.04 12.66 -8.95
CA TRP A 146 -10.75 11.27 -8.58
C TRP A 146 -11.02 10.33 -9.74
N SER A 146 -11.06 12.66 -8.91
CA SER A 146 -10.81 11.27 -8.58
C SER A 146 -10.99 10.39 -9.81
N CYS A 147 -10.10 9.41 -9.98
CA CYS A 147 -10.24 8.39 -11.00
C CYS A 147 -10.23 7.05 -10.29
N LEU A 148 -11.42 6.45 -10.14
CA LEU A 148 -11.56 5.12 -9.54
C LEU A 148 -11.46 4.06 -10.62
N ALA A 148 -11.41 6.43 -10.20
CA ALA A 148 -11.57 5.14 -9.58
C ALA A 148 -11.46 4.05 -10.64
N VAL A 149 -10.56 3.11 -10.43
CA VAL A 149 -10.34 2.02 -11.39
C VAL A 149 -10.51 0.74 -10.61
N GLU A 150 -11.48 -0.07 -10.99
CA GLU A 150 -11.84 -1.23 -10.16
C GLU A 150 -12.17 -2.45 -11.02
N LYS A 150 -11.45 -0.09 -10.99
CA LYS A 150 -11.71 -1.26 -10.18
C LYS A 150 -12.00 -2.47 -11.04
N GLY A 151 -12.06 -3.62 -10.37
CA GLY A 151 -12.35 -4.88 -11.02
C GLY A 151 -11.29 -5.42 -11.95
N PHE A 152 -10.03 -4.97 -11.85
CA PHE A 152 -9.05 -5.42 -12.83
C PHE A 152 -8.14 -6.52 -12.30
N TYR A 153 -7.61 -7.31 -13.25
CA TYR A 153 -6.63 -8.32 -12.93
CA TYR A 153 -6.68 -8.39 -12.94
C TYR A 153 -5.84 -8.63 -14.18
N PRO A 154 -4.49 -8.76 -14.09
CA PRO A 154 -3.68 -8.65 -12.87
C PRO A 154 -3.48 -7.22 -12.48
N SER A 155 -2.64 -6.96 -11.47
CA SER A 155 -2.51 -5.61 -10.92
C SER A 155 -1.62 -4.70 -11.76
N ASP A 156 -0.87 -5.23 -12.75
CA ASP A 156 -0.05 -4.38 -13.62
C ASP A 156 -0.94 -3.40 -14.35
N ILE A 157 -0.69 -2.09 -14.23
CA ILE A 157 -1.60 -1.09 -14.78
C ILE A 157 -0.86 0.23 -14.86
N ALA A 158 -1.32 1.13 -15.74
CA ALA A 158 -0.79 2.48 -15.76
C ALA A 158 -1.97 3.44 -15.80
N VAL A 159 -1.94 4.46 -14.95
CA VAL A 159 -3.03 5.41 -14.81
C VAL A 159 -2.44 6.82 -14.87
N GLU A 160 -2.96 7.65 -15.76
CA GLU A 160 -2.39 8.96 -16.03
C GLU A 160 -3.52 9.97 -16.22
N TRP A 161 -3.22 11.22 -15.95
CA TRP A 161 -4.18 12.30 -16.12
C TRP A 161 -3.66 13.27 -17.18
N GLU A 162 -4.59 13.95 -17.84
CA GLU A 162 -4.23 14.96 -18.82
C GLU A 162 -5.40 15.93 -18.99
N SER A 163 -5.12 17.07 -19.62
CA SER A 163 -6.15 18.05 -20.00
C SER A 163 -5.66 18.68 -21.30
N ASN A 164 -6.56 18.85 -22.28
CA ASN A 164 -6.16 19.32 -23.62
C ASN A 164 -4.94 18.59 -24.16
N GLY A 165 -4.97 17.26 -24.05
CA GLY A 165 -3.91 16.43 -24.61
C GLY A 165 -2.57 16.48 -23.91
N GLN A 166 -2.42 17.31 -22.87
CA GLN A 166 -1.18 17.52 -22.15
C GLN A 166 -1.19 16.80 -20.81
N PRO A 167 -0.06 16.21 -20.39
CA PRO A 167 -0.01 15.55 -19.07
C PRO A 167 -0.25 16.52 -17.93
N GLU A 168 -1.15 16.11 -17.04
CA GLU A 168 -1.38 16.75 -15.76
C GLU A 168 -0.71 15.81 -14.78
N ASN A 169 0.44 16.20 -14.24
CA ASN A 169 1.19 15.23 -13.47
C ASN A 169 1.10 15.48 -11.96
N ASN A 170 0.29 16.45 -11.53
CA ASN A 170 0.12 16.79 -10.11
C ASN A 170 -0.93 15.90 -9.45
N TYR A 171 -0.66 14.62 -9.52
CA TYR A 171 -1.59 13.62 -9.07
C TYR A 171 -0.80 12.57 -8.33
N LYS A 172 -1.52 11.81 -7.49
CA LYS A 172 -0.92 10.69 -6.78
C LYS A 172 -1.92 9.56 -6.95
N THR A 173 -1.43 8.34 -7.07
CA THR A 173 -2.28 7.16 -7.27
C THR A 173 -1.97 6.12 -6.20
N THR A 174 -3.02 5.56 -5.61
CA THR A 174 -2.83 4.53 -4.61
C THR A 174 -2.27 3.27 -5.27
N PRO A 175 -1.59 2.43 -4.53
CA PRO A 175 -1.27 1.09 -5.05
C PRO A 175 -2.53 0.30 -5.30
N PRO A 176 -2.47 -0.71 -6.16
CA PRO A 176 -3.63 -1.62 -6.30
C PRO A 176 -3.94 -2.28 -4.98
N VAL A 177 -5.24 -2.39 -4.70
CA VAL A 177 -5.75 -3.05 -3.50
C VAL A 177 -6.56 -4.27 -3.89
N LEU A 178 -6.23 -5.41 -3.26
CA LEU A 178 -6.99 -6.63 -3.51
C LEU A 178 -8.37 -6.50 -2.91
N ASP A 179 -9.38 -6.77 -3.72
CA ASP A 179 -10.74 -6.45 -3.35
C ASP A 179 -11.39 -7.78 -2.97
N SER A 180 -12.64 -7.76 -2.52
CA SER A 180 -13.22 -8.96 -1.93
C SER A 180 -13.48 -10.06 -2.95
N ASP A 181 -13.51 -9.75 -4.24
CA ASP A 181 -13.72 -10.75 -5.27
C ASP A 181 -12.43 -11.23 -5.91
N GLY A 182 -11.28 -10.87 -5.36
CA GLY A 182 -10.03 -11.27 -5.95
C GLY A 182 -9.54 -10.38 -7.06
N SER A 183 -10.34 -9.40 -7.50
CA SER A 183 -9.84 -8.38 -8.42
C SER A 183 -9.17 -7.26 -7.63
N PHE A 184 -8.58 -6.30 -8.36
CA PHE A 184 -7.92 -5.17 -7.74
C PHE A 184 -8.67 -3.87 -8.01
N PHE A 185 -8.49 -2.90 -7.12
CA PHE A 185 -8.94 -1.54 -7.39
C PHE A 185 -7.87 -0.57 -6.94
N LEU A 186 -7.95 0.66 -7.47
CA LEU A 186 -7.14 1.79 -7.01
C LEU A 186 -7.89 3.07 -7.26
N TYR A 187 -7.33 4.17 -6.73
CA TYR A 187 -7.84 5.54 -6.86
C TYR A 187 -6.70 6.49 -7.22
N VAL A 187 -7.40 4.15 -6.68
CA VAL A 187 -7.86 5.46 -7.08
C VAL A 187 -6.66 6.32 -7.38
N SER A 188 -6.84 7.24 -8.31
CA SER A 188 -5.90 8.29 -8.64
C SER A 188 -6.52 9.63 -8.30
N LYS A 189 -5.79 10.46 -7.57
CA LYS A 189 -6.26 11.75 -7.10
C LYS A 189 -5.48 12.86 -7.82
N LEU A 190 -6.17 13.64 -8.63
CA LEU A 190 -5.55 14.76 -9.32
C LEU A 190 -5.96 16.07 -8.63
N THR A 191 -4.97 16.88 -8.27
CA THR A 191 -5.24 18.17 -7.64
C THR A 191 -5.07 19.29 -8.67
N VAL A 192 -6.10 20.14 -8.81
CA VAL A 192 -6.08 21.26 -9.74
C VAL A 192 -6.59 22.53 -9.06
N ASP A 193 -6.12 23.68 -9.57
CA ASP A 193 -6.69 24.97 -9.17
C ASP A 193 -8.19 24.97 -9.35
N LYS A 194 -8.90 25.42 -8.31
CA LYS A 194 -10.36 25.44 -8.36
C LYS A 194 -10.88 26.27 -9.53
N SER A 195 -10.16 27.32 -9.91
CA SER A 195 -10.59 28.13 -11.04
C SER A 195 -10.63 27.32 -12.33
N ARG A 196 -9.59 26.49 -12.56
CA ARG A 196 -9.59 25.65 -13.75
C ARG A 196 -10.81 24.74 -13.79
N TRP A 197 -11.20 24.21 -12.64
CA TRP A 197 -12.38 23.37 -12.55
C TRP A 197 -13.66 24.17 -12.77
N GLN A 198 -13.82 25.30 -12.08
CA GLN A 198 -15.07 26.05 -12.16
C GLN A 198 -15.28 26.64 -13.55
N GLN A 199 -14.20 26.96 -14.24
CA GLN A 199 -14.28 27.52 -15.58
C GLN A 199 -14.61 26.45 -16.64
N GLY A 200 -14.75 25.19 -16.26
CA GLY A 200 -15.24 24.17 -17.15
C GLY A 200 -14.19 23.41 -17.95
N ASN A 201 -12.92 23.52 -17.60
CA ASN A 201 -11.88 22.76 -18.30
C ASN A 201 -12.12 21.27 -18.13
N VAL A 202 -11.81 20.50 -19.19
CA VAL A 202 -12.03 19.06 -19.20
C VAL A 202 -10.75 18.35 -18.79
N PHE A 203 -10.87 17.40 -17.86
CA PHE A 203 -9.73 16.63 -17.39
C PHE A 203 -9.99 15.18 -17.73
N SER A 204 -8.93 14.43 -17.99
CA SER A 204 -9.11 13.07 -18.48
C SER A 204 -8.18 12.11 -17.75
N CYS A 205 -8.76 10.99 -17.34
CA CYS A 205 -8.04 9.88 -16.75
C CYS A 205 -7.85 8.83 -17.83
N SER A 206 -6.60 8.46 -18.12
CA SER A 206 -6.32 7.42 -19.07
CA SER A 206 -6.24 7.44 -19.09
C SER A 206 -5.75 6.21 -18.34
N VAL A 207 -6.27 5.04 -18.71
CA VAL A 207 -5.88 3.79 -18.06
C VAL A 207 -5.39 2.84 -19.14
N MET A 208 -4.26 2.20 -18.86
CA MET A 208 -3.68 1.20 -19.76
C MET A 208 -3.58 -0.11 -19.01
N HIS A 209 -4.13 -1.17 -19.61
CA HIS A 209 -4.23 -2.48 -18.98
C HIS A 209 -4.40 -3.54 -20.08
N GLU A 210 -3.90 -4.73 -19.79
CA GLU A 210 -3.94 -5.78 -20.83
C GLU A 210 -5.36 -6.19 -21.16
N ALA A 211 -6.31 -6.03 -20.23
CA ALA A 211 -7.69 -6.49 -20.43
C ALA A 211 -8.58 -5.44 -21.09
N LEU A 212 -8.02 -4.31 -21.49
CA LEU A 212 -8.78 -3.29 -22.20
C LEU A 212 -8.61 -3.49 -23.70
N HIS A 213 -9.65 -3.17 -24.46
CA HIS A 213 -9.50 -3.05 -25.91
C HIS A 213 -8.40 -2.04 -26.25
N ASN A 214 -7.49 -2.42 -27.16
CA ASN A 214 -6.32 -1.60 -27.51
C ASN A 214 -5.50 -1.24 -26.29
N HIS A 215 -5.68 -1.98 -25.21
CA HIS A 215 -4.96 -1.75 -23.95
C HIS A 215 -5.11 -0.35 -23.39
N TYR A 216 -6.21 0.35 -23.72
CA TYR A 216 -6.29 1.78 -23.42
C TYR A 216 -7.74 2.20 -23.32
N THR A 217 -8.04 2.99 -22.30
CA THR A 217 -9.32 3.70 -22.25
C THR A 217 -9.05 5.05 -21.59
N GLN A 218 -9.94 6.01 -21.86
CA GLN A 218 -9.85 7.36 -21.29
C GLN A 218 -11.24 7.79 -20.83
N LYS A 219 -11.33 8.35 -19.64
CA LYS A 219 -12.59 8.87 -19.11
C LYS A 219 -12.40 10.32 -18.74
N SER A 220 -13.36 11.16 -19.11
CA SER A 220 -13.24 12.59 -18.90
C SER A 220 -14.22 13.10 -17.85
N LEU A 221 -13.91 14.28 -17.33
CA LEU A 221 -14.49 14.81 -16.11
C LEU A 221 -14.50 16.32 -16.26
N SER A 222 -15.67 16.97 -16.12
CA SER A 222 -15.71 18.43 -16.13
C SER A 222 -16.97 18.90 -15.41
N LEU A 223 -17.08 20.21 -15.23
CA LEU A 223 -18.03 20.70 -14.24
C LEU A 223 -19.37 20.67 -14.98
N GLY B 17 19.79 -18.06 21.86
CA GLY B 17 19.16 -17.31 22.94
C GLY B 17 17.77 -16.81 22.61
N PRO B 18 17.04 -16.33 23.63
CA PRO B 18 15.69 -15.82 23.38
C PRO B 18 15.70 -14.57 22.52
N SER B 19 14.59 -14.34 21.83
CA SER B 19 14.32 -13.12 21.07
C SER B 19 13.07 -12.43 21.60
N VAL B 20 13.00 -11.12 21.38
CA VAL B 20 11.97 -10.29 21.97
C VAL B 20 11.32 -9.48 20.86
N PHE B 21 9.98 -9.42 20.86
CA PHE B 21 9.25 -8.59 19.91
C PHE B 21 8.26 -7.74 20.66
N LEU B 22 8.26 -6.43 20.37
CA LEU B 22 7.50 -5.45 21.14
C LEU B 22 6.47 -4.82 20.21
N PHE B 23 5.19 -4.95 20.57
CA PHE B 23 4.14 -4.56 19.65
C PHE B 23 3.34 -3.39 20.22
N PRO B 24 2.96 -2.45 19.36
CA PRO B 24 2.25 -1.27 19.82
C PRO B 24 0.77 -1.54 19.97
N PRO B 25 0.02 -0.63 20.59
CA PRO B 25 -1.43 -0.74 20.57
C PRO B 25 -1.95 -0.43 19.18
N LYS B 26 -3.18 -0.86 18.93
CA LYS B 26 -3.84 -0.49 17.68
C LYS B 26 -4.25 0.98 17.72
N PRO B 27 -4.14 1.70 16.61
CA PRO B 27 -4.55 3.12 16.58
C PRO B 27 -5.92 3.41 17.17
N LYS B 28 -6.95 2.67 16.76
CA LYS B 28 -8.28 2.88 17.30
C LYS B 28 -8.31 2.79 18.82
N ASP B 29 -7.53 1.85 19.39
CA ASP B 29 -7.50 1.67 20.84
C ASP B 29 -6.98 2.89 21.59
N THR B 30 -6.02 3.61 21.00
CA THR B 30 -5.48 4.81 21.64
C THR B 30 -6.39 6.01 21.43
N LEU B 31 -7.23 5.99 20.39
CA LEU B 31 -8.08 7.13 20.07
C LEU B 31 -9.44 7.12 20.76
N MET B 32 -9.95 5.95 21.16
CA MET B 32 -11.28 5.83 21.77
CA MET B 32 -11.27 5.85 21.76
C MET B 32 -11.13 5.54 23.25
N ILE B 33 -11.69 6.41 24.10
CA ILE B 33 -11.50 6.29 25.54
C ILE B 33 -12.12 4.99 26.08
N SER B 34 -13.12 4.45 25.39
CA SER B 34 -13.76 3.23 25.87
C SER B 34 -12.89 1.99 25.64
N ARG B 35 -11.91 2.08 24.74
CA ARG B 35 -11.07 0.93 24.46
C ARG B 35 -9.84 0.91 25.35
N THR B 36 -9.16 -0.24 25.39
CA THR B 36 -8.01 -0.45 26.25
C THR B 36 -6.74 -0.66 25.45
N PRO B 37 -5.92 0.37 25.25
CA PRO B 37 -4.69 0.19 24.49
C PRO B 37 -3.64 -0.51 25.34
N GLU B 38 -2.92 -1.44 24.72
CA GLU B 38 -1.89 -2.25 25.36
C GLU B 38 -0.65 -2.28 24.50
N VAL B 39 0.52 -2.29 25.16
CA VAL B 39 1.79 -2.65 24.51
C VAL B 39 2.11 -4.08 24.93
N THR B 40 2.55 -4.90 23.98
CA THR B 40 2.74 -6.34 24.21
C THR B 40 4.19 -6.72 23.95
N CYS B 41 4.83 -7.29 24.97
CA CYS B 41 6.22 -7.70 24.86
C CYS B 41 6.25 -9.22 24.82
N VAL B 42 6.72 -9.78 23.71
CA VAL B 42 6.68 -11.21 23.47
C VAL B 42 8.11 -11.75 23.44
N VAL B 43 8.37 -12.82 24.20
CA VAL B 43 9.68 -13.46 24.24
C VAL B 43 9.52 -14.88 23.69
N VAL B 44 10.31 -15.22 22.68
CA VAL B 44 10.30 -16.55 22.07
C VAL B 44 11.69 -17.15 22.22
N ASP B 45 11.77 -18.47 21.95
CA ASP B 45 13.03 -19.21 21.94
C ASP B 45 13.66 -19.23 23.33
N VAL B 46 12.82 -19.29 24.35
CA VAL B 46 13.24 -19.52 25.73
C VAL B 46 13.50 -21.01 25.90
N SER B 47 14.64 -21.36 26.49
CA SER B 47 15.08 -22.75 26.55
C SER B 47 14.50 -23.50 27.76
N HIS B 48 14.60 -24.83 27.70
CA HIS B 48 14.24 -25.65 28.86
C HIS B 48 15.28 -25.50 29.96
N GLU B 49 16.55 -25.34 29.58
CA GLU B 49 17.62 -25.25 30.58
C GLU B 49 17.52 -23.96 31.39
N ASP B 50 17.06 -22.88 30.78
CA ASP B 50 17.01 -21.56 31.42
C ASP B 50 15.63 -20.96 31.15
N PRO B 51 14.59 -21.45 31.83
CA PRO B 51 13.21 -21.11 31.49
C PRO B 51 12.68 -19.84 32.15
N GLU B 52 13.38 -19.31 33.14
CA GLU B 52 12.86 -18.17 33.90
C GLU B 52 13.02 -16.91 33.06
N VAL B 53 11.98 -16.07 32.95
CA VAL B 53 12.23 -14.82 32.24
C VAL B 53 11.63 -13.73 33.13
N LYS B 54 12.34 -12.62 33.25
CA LYS B 54 11.87 -11.47 34.01
C LYS B 54 11.61 -10.30 33.08
N PHE B 55 10.49 -9.61 33.29
CA PHE B 55 10.17 -8.37 32.58
C PHE B 55 10.33 -7.18 33.52
N ASN B 56 10.96 -6.11 33.02
CA ASN B 56 10.87 -4.79 33.61
C ASN B 56 10.36 -3.83 32.55
N TRP B 57 9.44 -2.95 32.95
CA TRP B 57 8.76 -2.03 32.05
C TRP B 57 9.07 -0.60 32.49
N TYR B 58 9.33 0.28 31.51
CA TYR B 58 9.66 1.67 31.80
C TYR B 58 8.86 2.55 30.86
N VAL B 59 8.37 3.67 31.39
CA VAL B 59 7.71 4.67 30.57
C VAL B 59 8.53 5.94 30.69
N ASP B 60 9.12 6.39 29.57
CA ASP B 60 10.08 7.49 29.59
C ASP B 60 11.19 7.26 30.62
N GLY B 61 11.66 6.00 30.70
CA GLY B 61 12.73 5.65 31.61
C GLY B 61 12.34 5.47 33.06
N VAL B 62 11.09 5.69 33.43
CA VAL B 62 10.60 5.51 34.79
C VAL B 62 9.94 4.14 34.89
N GLU B 63 10.41 3.32 35.84
CA GLU B 63 9.89 1.96 35.91
C GLU B 63 8.44 1.95 36.36
N VAL B 64 7.63 1.10 35.73
CA VAL B 64 6.23 0.94 36.10
C VAL B 64 5.99 -0.53 36.39
N HIS B 65 4.95 -0.78 37.19
CA HIS B 65 4.88 -2.06 37.89
C HIS B 65 3.59 -2.82 37.60
N ASN B 66 2.69 -2.28 36.77
CA ASN B 66 1.35 -2.82 36.61
C ASN B 66 1.16 -3.70 35.36
N ALA B 67 2.24 -4.09 34.68
CA ALA B 67 2.07 -5.04 33.60
C ALA B 67 1.50 -6.36 34.11
N LYS B 68 0.91 -7.12 33.20
CA LYS B 68 0.32 -8.40 33.53
C LYS B 68 1.06 -9.43 32.70
N THR B 69 1.78 -10.33 33.35
CA THR B 69 2.62 -11.28 32.65
C THR B 69 1.98 -12.64 32.74
N LYS B 70 1.88 -13.31 31.62
CA LYS B 70 1.33 -14.64 31.42
C LYS B 70 2.33 -15.73 31.79
N PRO B 71 1.84 -16.89 32.21
CA PRO B 71 2.73 -18.02 32.41
C PRO B 71 3.31 -18.47 31.07
N ARG B 72 4.57 -18.91 31.12
CA ARG B 72 5.24 -19.44 29.95
C ARG B 72 4.40 -20.54 29.31
N GLU B 73 4.48 -20.66 27.98
CA GLU B 73 3.74 -21.67 27.24
C GLU B 73 4.68 -22.38 26.28
N GLU B 74 4.77 -23.70 26.40
CA GLU B 74 5.67 -24.42 25.51
C GLU B 74 5.06 -24.50 24.12
N GLN B 75 5.91 -24.34 23.11
CA GLN B 75 5.54 -24.44 21.70
C GLN B 75 5.92 -25.82 21.18
N TYR B 76 5.23 -26.26 20.11
CA TYR B 76 5.73 -27.41 19.33
C TYR B 76 7.19 -27.51 18.93
N ASN B 77 7.99 -26.44 19.01
CA ASN B 77 9.41 -26.64 18.79
C ASN B 77 10.19 -26.76 20.11
N SER B 78 9.51 -27.12 21.20
CA SER B 78 10.18 -27.39 22.48
C SER B 78 10.93 -26.17 23.02
N THR B 79 10.43 -24.98 22.73
CA THR B 79 10.86 -23.74 23.36
C THR B 79 9.65 -23.08 24.00
N TYR B 80 9.89 -22.17 24.94
CA TYR B 80 8.78 -21.45 25.57
C TYR B 80 8.59 -20.08 24.93
N ARG B 81 7.35 -19.62 24.98
CA ARG B 81 6.92 -18.28 24.60
C ARG B 81 6.32 -17.63 25.84
N VAL B 82 6.73 -16.40 26.17
CA VAL B 82 6.23 -15.74 27.37
C VAL B 82 5.81 -14.34 26.96
N VAL B 83 4.64 -13.90 27.42
CA VAL B 83 4.07 -12.61 27.01
C VAL B 83 3.80 -11.74 28.23
N SER B 84 4.22 -10.48 28.18
CA SER B 84 3.84 -9.48 29.18
C SER B 84 3.07 -8.36 28.49
N VAL B 85 1.95 -7.95 29.08
CA VAL B 85 1.07 -6.93 28.50
C VAL B 85 1.01 -5.74 29.45
N LEU B 86 1.30 -4.55 28.93
CA LEU B 86 1.25 -3.32 29.70
C LEU B 86 0.08 -2.51 29.16
N THR B 87 -0.89 -2.21 30.02
CA THR B 87 -1.96 -1.30 29.63
C THR B 87 -1.39 0.12 29.65
N VAL B 88 -1.69 0.90 28.61
CA VAL B 88 -1.16 2.25 28.52
C VAL B 88 -2.31 3.24 28.66
N LEU B 89 -1.97 4.42 29.16
CA LEU B 89 -2.90 5.54 29.23
C LEU B 89 -3.00 6.15 27.84
N HIS B 90 -4.22 6.32 27.35
CA HIS B 90 -4.39 6.85 25.99
C HIS B 90 -3.55 8.10 25.81
N GLN B 91 -3.58 9.00 26.78
CA GLN B 91 -2.94 10.28 26.55
C GLN B 91 -1.43 10.16 26.64
N ASP B 92 -0.90 9.21 27.42
CA ASP B 92 0.55 8.96 27.41
C ASP B 92 1.04 8.55 26.03
N TRP B 93 0.32 7.61 25.40
CA TRP B 93 0.74 7.17 24.08
C TRP B 93 0.67 8.32 23.08
N LEU B 94 -0.43 9.07 23.11
CA LEU B 94 -0.66 10.14 22.15
C LEU B 94 0.30 11.30 22.41
N ASN B 95 0.78 11.45 23.66
CA ASN B 95 1.78 12.47 23.97
C ASN B 95 3.21 12.00 23.69
N GLY B 96 3.38 10.84 23.05
CA GLY B 96 4.69 10.41 22.61
C GLY B 96 5.59 9.78 23.66
N LYS B 97 5.05 9.32 24.77
CA LYS B 97 5.89 8.66 25.76
C LYS B 97 6.46 7.36 25.20
N GLU B 98 7.68 7.03 25.64
CA GLU B 98 8.44 5.87 25.16
C GLU B 98 8.25 4.70 26.11
N TYR B 99 7.90 3.53 25.56
CA TYR B 99 7.61 2.35 26.36
C TYR B 99 8.74 1.35 26.12
N LYS B 100 9.43 0.97 27.19
CA LYS B 100 10.58 0.09 27.08
C LYS B 100 10.28 -1.21 27.82
N CYS B 101 10.47 -2.32 27.13
CA CYS B 101 10.39 -3.65 27.72
C CYS B 101 11.81 -4.18 27.84
N LYS B 102 12.19 -4.59 29.05
CA LYS B 102 13.51 -5.16 29.29
C LYS B 102 13.31 -6.61 29.71
N VAL B 103 13.98 -7.52 29.02
CA VAL B 103 13.79 -8.96 29.22
C VAL B 103 15.08 -9.59 29.73
N SER B 104 15.00 -10.27 30.87
CA SER B 104 16.13 -10.95 31.48
C SER B 104 15.94 -12.46 31.44
N ASN B 105 17.02 -13.17 31.14
CA ASN B 105 17.01 -14.63 31.04
C ASN B 105 18.44 -15.12 31.27
N LYS B 106 18.61 -16.20 32.02
CA LYS B 106 19.97 -16.63 32.36
C LYS B 106 20.75 -17.14 31.14
N ALA B 107 20.08 -17.50 30.05
CA ALA B 107 20.80 -17.85 28.83
C ALA B 107 21.34 -16.64 28.08
N LEU B 108 21.02 -15.42 28.52
CA LEU B 108 21.42 -14.23 27.79
C LEU B 108 22.69 -13.62 28.39
N PRO B 109 23.60 -13.14 27.53
CA PRO B 109 24.76 -12.38 28.06
C PRO B 109 24.35 -11.15 28.86
N ALA B 110 23.40 -10.38 28.36
CA ALA B 110 22.87 -9.22 29.05
C ALA B 110 21.40 -9.10 28.71
N PRO B 111 20.62 -8.37 29.50
CA PRO B 111 19.19 -8.25 29.18
C PRO B 111 18.97 -7.56 27.84
N ILE B 112 17.86 -7.93 27.21
CA ILE B 112 17.47 -7.41 25.91
C ILE B 112 16.47 -6.30 26.18
N GLU B 113 16.66 -5.15 25.56
CA GLU B 113 15.76 -4.00 25.72
C GLU B 113 15.16 -3.64 24.37
N LYS B 114 13.85 -3.45 24.33
CA LYS B 114 13.16 -2.96 23.15
C LYS B 114 12.33 -1.77 23.57
N THR B 115 12.20 -0.79 22.66
CA THR B 115 11.49 0.45 22.97
C THR B 115 10.58 0.77 21.80
N ILE B 116 9.39 1.28 22.11
CA ILE B 116 8.41 1.65 21.09
C ILE B 116 7.69 2.92 21.54
N SER B 117 7.22 3.70 20.56
CA SER B 117 6.43 4.91 20.82
C SER B 117 5.65 5.24 19.54
N LYS B 118 4.70 6.17 19.69
CA LYS B 118 3.88 6.59 18.57
C LYS B 118 4.76 7.20 17.48
N ALA B 119 4.31 7.06 16.23
CA ALA B 119 4.97 7.73 15.12
C ALA B 119 5.07 9.23 15.40
N LYS B 120 6.25 9.78 15.15
CA LYS B 120 6.52 11.19 15.36
C LYS B 120 6.09 12.04 14.17
N GLY B 121 5.93 13.33 14.43
CA GLY B 121 5.67 14.33 13.38
C GLY B 121 4.51 15.23 13.74
N GLN B 122 4.54 16.45 13.21
CA GLN B 122 3.47 17.42 13.45
C GLN B 122 2.13 16.86 12.96
N PRO B 123 1.14 16.71 13.82
CA PRO B 123 -0.15 16.18 13.35
C PRO B 123 -0.83 17.15 12.41
N ARG B 124 -1.51 16.59 11.38
CA ARG B 124 -2.35 17.34 10.48
C ARG B 124 -3.73 16.66 10.41
N GLU B 125 -4.75 17.50 10.41
CA GLU B 125 -6.14 17.05 10.49
C GLU B 125 -6.61 16.46 9.17
N PRO B 126 -7.12 15.23 9.15
CA PRO B 126 -7.76 14.72 7.92
C PRO B 126 -8.97 15.55 7.49
N GLN B 127 -9.10 15.71 6.19
CA GLN B 127 -10.30 16.21 5.53
CA GLN B 127 -10.34 16.20 5.59
C GLN B 127 -11.06 15.00 4.99
N VAL B 128 -12.36 14.89 5.26
CA VAL B 128 -13.11 13.68 4.90
C VAL B 128 -14.21 14.04 3.92
N TYR B 129 -14.24 13.34 2.79
CA TYR B 129 -15.19 13.60 1.71
C TYR B 129 -15.81 12.30 1.23
N THR B 130 -17.14 12.24 1.20
CA THR B 130 -17.82 11.10 0.61
C THR B 130 -18.14 11.42 -0.84
N LEU B 131 -17.98 10.42 -1.69
CA LEU B 131 -18.18 10.58 -3.13
C LEU B 131 -19.21 9.56 -3.60
N PRO B 132 -20.33 10.01 -4.16
CA PRO B 132 -21.39 9.08 -4.64
C PRO B 132 -20.93 8.27 -5.84
N PRO B 133 -21.68 7.21 -6.22
CA PRO B 133 -21.28 6.41 -7.37
C PRO B 133 -21.27 7.25 -8.64
N SER B 134 -20.41 6.85 -9.56
CA SER B 134 -20.54 7.29 -10.95
C SER B 134 -21.87 6.83 -11.53
N ARG B 135 -22.40 7.64 -12.46
CA ARG B 135 -23.59 7.22 -13.18
C ARG B 135 -23.32 5.95 -14.00
N ASP B 136 -22.09 5.80 -14.48
CA ASP B 136 -21.72 4.64 -15.29
C ASP B 136 -21.92 3.33 -14.55
N LYS B 137 -21.85 3.37 -13.21
CA LYS B 137 -21.90 2.17 -12.38
C LYS B 137 -23.33 1.77 -12.02
N GLU B 137 -21.86 3.36 -13.22
CA GLU B 137 -21.91 2.16 -12.41
C GLU B 137 -23.33 1.76 -12.04
N LEU B 138 -24.30 2.69 -12.18
CA LEU B 138 -25.67 2.43 -11.74
C LEU B 138 -26.28 1.22 -12.45
N THR B 139 -25.92 1.00 -13.71
CA THR B 139 -26.30 -0.26 -14.37
C THR B 139 -25.19 -1.29 -14.19
N LYS B 140 -25.06 -1.77 -12.94
CA LYS B 140 -24.11 -2.84 -12.64
C LYS B 140 -24.56 -3.90 -11.65
N ASN B 141 -25.60 -3.68 -10.81
CA ASN B 141 -26.05 -4.58 -9.74
C ASN B 141 -25.59 -4.13 -8.35
N GLN B 142 -24.33 -3.76 -8.24
CA GLN B 142 -23.74 -3.22 -7.02
C GLN B 142 -23.16 -1.86 -7.36
N VAL B 143 -23.17 -0.93 -6.41
CA VAL B 143 -22.50 0.35 -6.64
C VAL B 143 -21.43 0.52 -5.57
N SER B 144 -20.44 1.37 -5.88
CA SER B 144 -19.31 1.59 -4.99
C SER B 144 -19.42 2.99 -4.41
N LEU B 145 -19.35 3.09 -3.08
CA LEU B 145 -19.47 4.40 -2.46
C LEU B 145 -18.05 4.70 -1.97
N SER B 146 -17.61 5.95 -2.08
CA SER B 146 -16.23 6.29 -1.76
C SER B 146 -16.15 7.23 -0.56
N TRP B 146 -17.62 5.97 -2.03
CA TRP B 146 -16.23 6.31 -1.76
C TRP B 146 -16.10 7.28 -0.59
N CYS B 147 -15.12 7.04 0.26
CA CYS B 147 -14.81 7.92 1.37
C CYS B 147 -13.36 8.34 1.20
N ALA B 148 -13.13 9.57 0.77
CA ALA B 148 -11.78 10.08 0.56
C ALA B 148 -11.30 10.83 1.80
N LEU B 148 -13.15 9.58 0.76
CA LEU B 148 -11.82 10.17 0.57
C LEU B 148 -11.36 10.77 1.90
N VAL B 149 -10.13 10.45 2.31
CA VAL B 149 -9.59 11.03 3.54
C VAL B 149 -8.21 11.55 3.16
N LYS B 150 -8.01 12.86 3.28
CA LYS B 150 -6.77 13.44 2.79
C LYS B 150 -6.21 14.45 3.77
N GLU B 150 -8.01 12.88 3.24
CA GLU B 150 -6.77 13.46 2.75
C GLU B 150 -6.24 14.54 3.67
N GLY B 151 -4.92 14.72 3.60
CA GLY B 151 -4.24 15.73 4.36
C GLY B 151 -3.89 15.35 5.79
N PHE B 152 -3.82 14.07 6.11
CA PHE B 152 -3.61 13.72 7.52
C PHE B 152 -2.16 13.34 7.80
N TYR B 153 -1.77 13.50 9.06
CA TYR B 153 -0.44 13.12 9.52
C TYR B 153 -0.50 12.95 11.03
N PRO B 154 0.11 11.90 11.59
CA PRO B 154 0.83 10.80 10.92
C PRO B 154 -0.13 9.83 10.26
N SER B 155 0.37 8.71 9.75
CA SER B 155 -0.42 7.84 8.90
C SER B 155 -1.37 6.92 9.66
N ASP B 156 -1.20 6.79 10.99
CA ASP B 156 -2.05 5.98 11.84
C ASP B 156 -3.48 6.48 11.75
N ILE B 157 -4.42 5.63 11.36
CA ILE B 157 -5.80 6.06 11.15
C ILE B 157 -6.69 4.82 11.14
N ALA B 158 -7.98 5.01 11.45
CA ALA B 158 -8.96 3.93 11.28
C ALA B 158 -10.16 4.49 10.55
N VAL B 159 -10.66 3.73 9.58
CA VAL B 159 -11.77 4.17 8.76
C VAL B 159 -12.80 3.04 8.70
N GLU B 160 -14.05 3.36 8.96
CA GLU B 160 -15.10 2.35 9.10
C GLU B 160 -16.36 2.86 8.44
N TRP B 161 -17.23 1.95 8.02
CA TRP B 161 -18.52 2.29 7.41
C TRP B 161 -19.66 1.68 8.21
N GLU B 162 -20.80 2.35 8.21
CA GLU B 162 -21.99 1.82 8.86
C GLU B 162 -23.21 2.37 8.14
N SER B 163 -24.35 1.77 8.47
CA SER B 163 -25.64 2.27 8.01
C SER B 163 -26.71 1.73 8.95
N ASN B 164 -27.68 2.58 9.28
CA ASN B 164 -28.85 2.14 10.05
CA ASN B 164 -28.86 2.20 10.08
C ASN B 164 -28.46 1.52 11.39
N GLY B 165 -27.37 2.01 11.99
CA GLY B 165 -26.90 1.50 13.27
C GLY B 165 -26.11 0.21 13.28
N GLN B 166 -25.66 -0.29 12.14
CA GLN B 166 -24.85 -1.50 12.08
C GLN B 166 -23.65 -1.25 11.20
N PRO B 167 -22.51 -1.88 11.49
CA PRO B 167 -21.35 -1.79 10.58
C PRO B 167 -21.67 -2.42 9.23
N GLU B 168 -21.00 -1.93 8.19
CA GLU B 168 -21.08 -2.54 6.86
C GLU B 168 -19.92 -3.51 6.64
N ASN B 169 -20.22 -4.63 6.01
CA ASN B 169 -19.19 -5.66 5.88
C ASN B 169 -18.22 -5.28 4.77
N ASN B 170 -18.77 -4.81 3.68
CA ASN B 170 -18.22 -5.06 2.38
C ASN B 170 -17.43 -3.86 1.88
N TYR B 171 -16.37 -3.52 2.60
CA TYR B 171 -15.52 -2.40 2.18
C TYR B 171 -14.06 -2.77 2.26
N LYS B 172 -13.27 -2.05 1.46
CA LYS B 172 -11.82 -2.16 1.50
C LYS B 172 -11.25 -0.76 1.45
N THR B 173 -10.14 -0.58 2.12
CA THR B 173 -9.52 0.74 2.23
C THR B 173 -8.09 0.68 1.74
N THR B 174 -7.69 1.69 0.97
CA THR B 174 -6.31 1.70 0.48
C THR B 174 -5.38 1.98 1.64
N PRO B 175 -4.11 1.61 1.53
CA PRO B 175 -3.11 2.08 2.47
C PRO B 175 -3.02 3.60 2.40
N PRO B 176 -2.52 4.24 3.45
CA PRO B 176 -2.16 5.65 3.35
C PRO B 176 -1.12 5.84 2.26
N VAL B 177 -1.29 6.91 1.49
CA VAL B 177 -0.39 7.27 0.41
C VAL B 177 0.21 8.64 0.69
N LEU B 178 1.54 8.75 0.54
CA LEU B 178 2.21 10.01 0.79
C LEU B 178 1.93 10.96 -0.36
N ASP B 179 1.40 12.14 -0.05
CA ASP B 179 0.97 13.12 -1.04
C ASP B 179 2.11 14.10 -1.29
N SER B 180 1.91 15.00 -2.26
CA SER B 180 2.98 15.91 -2.68
C SER B 180 3.34 16.94 -1.60
N ASP B 181 2.44 17.22 -0.65
CA ASP B 181 2.71 18.18 0.42
C ASP B 181 3.21 17.50 1.70
N GLY B 182 3.55 16.22 1.65
CA GLY B 182 4.02 15.53 2.83
C GLY B 182 2.96 14.93 3.74
N SER B 183 1.68 15.19 3.50
CA SER B 183 0.60 14.56 4.25
C SER B 183 0.23 13.23 3.58
N PHE B 184 -0.70 12.50 4.19
CA PHE B 184 -1.18 11.24 3.64
C PHE B 184 -2.60 11.38 3.15
N PHE B 185 -2.98 10.54 2.18
CA PHE B 185 -4.39 10.35 1.85
C PHE B 185 -4.66 8.88 1.65
N LEU B 186 -5.95 8.55 1.65
CA LEU B 186 -6.41 7.22 1.31
C LEU B 186 -7.85 7.34 0.82
N VAL B 187 -8.38 6.24 0.32
CA VAL B 187 -9.78 6.18 -0.03
C VAL B 187 -10.30 4.84 0.48
N TYR B 187 -8.38 6.23 0.30
CA TYR B 187 -9.75 6.09 -0.17
C TYR B 187 -10.32 4.80 0.40
N SER B 188 -11.53 4.85 0.96
CA SER B 188 -12.24 3.65 1.38
C SER B 188 -13.39 3.43 0.42
N LYS B 189 -13.51 2.22 -0.08
CA LYS B 189 -14.54 1.81 -1.03
C LYS B 189 -15.53 0.84 -0.39
N LEU B 190 -16.79 1.24 -0.31
CA LEU B 190 -17.84 0.41 0.25
C LEU B 190 -18.72 -0.06 -0.90
N THR B 191 -18.85 -1.37 -1.07
CA THR B 191 -19.69 -1.95 -2.13
C THR B 191 -21.03 -2.34 -1.54
N VAL B 192 -22.11 -1.86 -2.15
CA VAL B 192 -23.45 -2.19 -1.68
C VAL B 192 -24.29 -2.68 -2.85
N ASP B 193 -25.29 -3.51 -2.53
CA ASP B 193 -26.31 -3.83 -3.52
C ASP B 193 -26.98 -2.56 -4.01
N LYS B 194 -27.11 -2.44 -5.33
CA LYS B 194 -27.64 -1.23 -5.93
C LYS B 194 -29.04 -0.90 -5.44
N SER B 195 -29.86 -1.92 -5.16
CA SER B 195 -31.19 -1.65 -4.64
C SER B 195 -31.13 -0.78 -3.39
N ARG B 196 -30.25 -1.14 -2.45
CA ARG B 196 -30.19 -0.39 -1.18
C ARG B 196 -29.84 1.07 -1.42
N TRP B 197 -28.94 1.33 -2.37
CA TRP B 197 -28.64 2.71 -2.75
C TRP B 197 -29.85 3.41 -3.33
N GLN B 198 -30.57 2.74 -4.25
CA GLN B 198 -31.71 3.40 -4.90
C GLN B 198 -32.85 3.63 -3.90
N GLN B 199 -33.13 2.60 -3.08
CA GLN B 199 -33.89 2.62 -1.80
C GLN B 199 -33.81 3.94 -1.04
N GLY B 200 -32.67 4.67 -1.13
CA GLY B 200 -32.43 5.86 -0.34
C GLY B 200 -31.72 5.67 0.98
N ASN B 201 -31.16 4.49 1.25
CA ASN B 201 -30.45 4.26 2.50
C ASN B 201 -29.23 5.16 2.65
N VAL B 202 -28.98 5.60 3.89
CA VAL B 202 -27.88 6.51 4.22
C VAL B 202 -26.70 5.67 4.68
N PHE B 203 -25.53 5.93 4.10
CA PHE B 203 -24.32 5.21 4.48
C PHE B 203 -23.34 6.23 5.08
N SER B 204 -22.55 5.78 6.04
CA SER B 204 -21.73 6.71 6.81
C SER B 204 -20.30 6.19 6.91
N CYS B 205 -19.37 7.09 6.64
CA CYS B 205 -17.95 6.83 6.75
C CYS B 205 -17.48 7.48 8.06
N SER B 206 -16.94 6.68 8.99
CA SER B 206 -16.39 7.20 10.25
C SER B 206 -14.87 7.17 10.18
N VAL B 207 -14.23 8.25 10.60
CA VAL B 207 -12.77 8.34 10.54
C VAL B 207 -12.24 8.67 11.94
N MET B 208 -11.26 7.91 12.39
CA MET B 208 -10.67 8.15 13.72
C MET B 208 -9.18 8.46 13.55
N HIS B 209 -8.76 9.62 14.06
CA HIS B 209 -7.40 10.12 13.87
C HIS B 209 -7.07 11.08 15.01
N GLU B 210 -5.80 11.08 15.42
CA GLU B 210 -5.39 11.89 16.57
C GLU B 210 -5.60 13.38 16.34
N ALA B 211 -5.61 13.85 15.09
CA ALA B 211 -5.71 15.28 14.82
C ALA B 211 -7.13 15.77 14.60
N LEU B 212 -8.13 14.89 14.71
CA LEU B 212 -9.53 15.28 14.66
C LEU B 212 -10.01 15.72 16.05
N HIS B 213 -10.88 16.74 16.09
CA HIS B 213 -11.60 17.00 17.33
C HIS B 213 -12.33 15.74 17.77
N ASN B 214 -12.17 15.38 19.04
CA ASN B 214 -12.71 14.16 19.64
C ASN B 214 -12.16 12.90 18.99
N HIS B 215 -11.06 13.03 18.23
CA HIS B 215 -10.45 11.93 17.48
C HIS B 215 -11.42 11.23 16.53
N TYR B 216 -12.45 11.94 16.04
CA TYR B 216 -13.52 11.28 15.32
C TYR B 216 -14.27 12.27 14.44
N THR B 217 -14.62 11.83 13.25
CA THR B 217 -15.55 12.58 12.43
C THR B 217 -16.29 11.61 11.54
N GLN B 218 -17.49 11.99 11.13
CA GLN B 218 -18.28 11.09 10.29
C GLN B 218 -18.89 11.91 9.16
N LYS B 219 -18.93 11.33 7.98
CA LYS B 219 -19.58 11.94 6.83
C LYS B 219 -20.55 10.92 6.23
N SER B 220 -21.73 11.38 5.83
CA SER B 220 -22.72 10.45 5.29
C SER B 220 -23.07 10.74 3.84
N LEU B 221 -23.64 9.71 3.20
CA LEU B 221 -23.89 9.64 1.77
C LEU B 221 -25.22 8.93 1.52
N SER B 222 -26.08 9.51 0.67
CA SER B 222 -27.32 8.85 0.24
C SER B 222 -27.75 9.43 -1.11
N LEU B 223 -28.65 8.72 -1.78
CA LEU B 223 -28.75 9.04 -3.18
C LEU B 223 -29.43 10.42 -3.24
N SER B 224 -28.92 11.33 -4.07
CA SER B 224 -29.49 12.68 -4.19
C SER B 224 -30.36 12.77 -5.45
N PRO B 225 -31.69 12.82 -5.34
CA PRO B 225 -32.54 13.12 -6.51
C PRO B 225 -32.55 14.60 -6.85
C1 NAG C . 27.26 -2.65 -2.70
C2 NAG C . 26.44 -3.60 -1.85
C3 NAG C . 25.32 -4.20 -2.69
C4 NAG C . 24.47 -3.10 -3.29
C5 NAG C . 25.35 -2.11 -4.07
C6 NAG C . 24.60 -0.89 -4.50
C7 NAG C . 27.47 -4.78 0.05
C8 NAG C . 28.37 -5.90 0.47
N2 NAG C . 27.28 -4.64 -1.27
O3 NAG C . 24.53 -5.07 -1.88
O4 NAG C . 23.50 -3.63 -4.18
O5 NAG C . 26.42 -1.63 -3.22
O6 NAG C . 24.34 -0.06 -3.38
O7 NAG C . 26.91 -4.05 0.86
C1 NAG C . 22.22 -3.82 -3.53
C2 NAG C . 21.13 -3.58 -4.56
C3 NAG C . 19.75 -3.87 -3.96
C4 NAG C . 19.71 -5.25 -3.31
C5 NAG C . 20.89 -5.39 -2.33
C6 NAG C . 20.99 -6.78 -1.73
C7 NAG C . 21.57 -1.93 -6.33
C8 NAG C . 21.60 -0.47 -6.69
N2 NAG C . 21.20 -2.22 -5.08
O3 NAG C . 18.79 -3.79 -5.01
O4 NAG C . 18.49 -5.46 -2.58
O5 NAG C . 22.12 -5.14 -3.01
O6 NAG C . 21.89 -6.79 -0.64
O7 NAG C . 21.87 -2.80 -7.15
C1 BMA C . 17.40 -6.03 -3.35
C2 BMA C . 16.44 -6.95 -2.45
C3 BMA C . 15.19 -7.32 -3.24
C4 BMA C . 14.56 -6.07 -3.82
C5 BMA C . 15.56 -5.35 -4.74
C6 BMA C . 15.02 -4.08 -5.33
O2 BMA C . 15.95 -6.26 -1.31
O3 BMA C . 14.20 -7.97 -2.43
O4 BMA C . 13.41 -6.41 -4.56
O5 BMA C . 16.66 -4.97 -3.95
O6 BMA C . 16.10 -3.37 -5.95
C1 MAN C . 15.48 -2.43 -6.84
C2 MAN C . 16.48 -1.90 -7.89
C3 MAN C . 17.61 -1.19 -7.23
C4 MAN C . 17.10 -0.07 -6.27
C5 MAN C . 15.90 -0.52 -5.39
C6 MAN C . 15.09 0.69 -4.89
O2 MAN C . 15.87 -0.88 -8.67
O3 MAN C . 18.46 -0.59 -8.22
O4 MAN C . 18.15 0.36 -5.42
O5 MAN C . 14.96 -1.37 -6.09
O6 MAN C . 14.46 0.35 -3.65
C1 NAG C . 15.18 -1.42 -9.82
C2 NAG C . 14.04 -0.47 -10.25
C3 NAG C . 13.42 -0.90 -11.59
C4 NAG C . 14.45 -1.34 -12.63
C5 NAG C . 15.52 -2.23 -12.00
C6 NAG C . 16.68 -2.54 -12.93
C7 NAG C . 13.00 0.52 -8.24
C8 NAG C . 11.86 0.41 -7.26
N2 NAG C . 13.01 -0.40 -9.21
O3 NAG C . 12.67 0.20 -12.10
O4 NAG C . 13.76 -2.08 -13.64
O5 NAG C . 16.08 -1.57 -10.86
O6 NAG C . 17.09 -1.41 -13.69
O7 NAG C . 13.86 1.39 -8.14
C1 GAL C . 14.18 -1.73 -14.98
C2 GAL C . 13.23 -2.40 -16.07
C3 GAL C . 13.33 -1.73 -17.46
C4 GAL C . 13.24 -0.20 -17.31
C5 GAL C . 14.38 0.23 -16.40
C6 GAL C . 14.49 1.74 -16.17
O2 GAL C . 13.53 -3.81 -16.28
O3 GAL C . 12.33 -2.14 -18.36
O4 GAL C . 12.00 0.19 -16.73
O5 GAL C . 14.21 -0.32 -15.08
O6 GAL C . 15.39 2.01 -15.10
C1 MAN C . 14.38 -9.40 -2.34
C2 MAN C . 13.45 -10.14 -3.39
C3 MAN C . 11.96 -10.15 -2.93
C4 MAN C . 11.84 -10.44 -1.41
C5 MAN C . 12.73 -9.45 -0.68
C6 MAN C . 12.57 -9.49 0.84
O2 MAN C . 13.79 -11.52 -3.54
O3 MAN C . 11.17 -11.07 -3.69
O4 MAN C . 10.50 -10.29 -0.98
O5 MAN C . 14.10 -9.76 -1.02
O6 MAN C . 13.83 -9.24 1.42
C1 FUC C . 23.43 0.99 -3.75
C2 FUC C . 22.76 1.54 -2.44
C3 FUC C . 23.71 2.39 -1.61
C4 FUC C . 24.45 3.42 -2.47
C5 FUC C . 25.10 2.72 -3.67
C6 FUC C . 25.78 3.70 -4.63
O2 FUC C . 22.21 0.50 -1.64
O3 FUC C . 22.96 3.10 -0.62
O4 FUC C . 23.55 4.42 -2.92
O5 FUC C . 24.13 2.01 -4.44
C1 NAG D . 9.48 -21.75 17.92
C2 NAG D . 10.35 -20.87 16.99
C3 NAG D . 10.01 -19.39 17.16
C4 NAG D . 8.51 -19.14 17.07
C5 NAG D . 7.81 -20.04 18.07
C6 NAG D . 6.30 -19.89 18.09
C7 NAG D . 12.53 -21.91 16.51
C8 NAG D . 13.97 -22.00 16.92
N2 NAG D . 11.77 -21.09 17.24
O3 NAG D . 10.72 -18.69 16.16
O4 NAG D . 8.20 -17.80 17.42
O5 NAG D . 8.10 -21.41 17.76
O6 NAG D . 5.74 -20.07 16.80
O7 NAG D . 12.08 -22.56 15.57
C1 NAG D . 8.30 -16.87 16.30
C2 NAG D . 7.30 -15.75 16.57
C3 NAG D . 7.38 -14.71 15.45
C4 NAG D . 8.81 -14.23 15.27
C5 NAG D . 9.76 -15.41 15.12
C6 NAG D . 11.22 -15.02 15.12
C7 NAG D . 5.17 -16.13 17.75
C8 NAG D . 3.84 -16.79 17.69
N2 NAG D . 5.95 -16.30 16.68
O3 NAG D . 6.51 -13.64 15.79
O4 NAG D . 8.95 -13.50 14.06
O5 NAG D . 9.59 -16.34 16.21
O6 NAG D . 12.07 -16.15 14.92
O7 NAG D . 5.54 -15.48 18.72
C1 BMA D . 8.66 -12.10 14.17
C2 BMA D . 9.56 -11.36 13.18
C3 BMA D . 9.21 -9.88 13.17
C4 BMA D . 7.72 -9.70 12.94
C5 BMA D . 6.90 -10.55 13.93
C6 BMA D . 5.41 -10.50 13.66
O2 BMA D . 9.28 -11.84 11.86
O3 BMA D . 9.94 -9.17 12.16
O4 BMA D . 7.41 -8.34 13.16
O5 BMA D . 7.33 -11.92 13.84
O6 BMA D . 4.78 -11.16 14.73
C1 MAN D . 3.35 -10.94 14.70
C2 MAN D . 2.77 -11.62 15.94
C3 MAN D . 2.88 -13.14 15.80
C4 MAN D . 2.15 -13.62 14.54
C5 MAN D . 2.69 -12.92 13.30
C6 MAN D . 1.79 -13.20 12.10
O2 MAN D . 1.38 -11.40 16.03
O3 MAN D . 2.30 -13.77 16.92
O4 MAN D . 2.34 -15.04 14.36
O5 MAN D . 2.74 -11.46 13.49
O6 MAN D . 2.47 -12.72 10.96
C1 NAG D . 1.19 -10.10 16.63
C2 NAG D . -0.08 -9.47 16.06
C3 NAG D . -0.41 -8.15 16.76
C4 NAG D . -0.36 -8.30 18.29
C5 NAG D . 0.95 -8.96 18.68
C6 NAG D . 1.08 -9.23 20.16
C7 NAG D . -0.42 -10.08 13.71
C8 NAG D . -0.17 -9.71 12.27
N2 NAG D . 0.08 -9.24 14.63
O3 NAG D . -1.70 -7.73 16.36
O4 NAG D . -0.41 -7.00 18.87
O5 NAG D . 1.06 -10.24 18.03
O6 NAG D . 0.02 -10.07 20.60
O7 NAG D . -1.04 -11.09 14.03
C1 GAL D . -1.36 -6.87 19.94
C2 GAL D . -1.29 -5.37 20.48
C3 GAL D . -2.42 -5.02 21.43
C4 GAL D . -3.75 -5.48 20.87
C5 GAL D . -3.67 -6.97 20.61
C6 GAL D . -5.02 -7.63 20.20
O2 GAL D . -0.01 -5.04 21.17
O3 GAL D . -2.53 -3.64 21.58
O4 GAL D . -3.96 -4.82 19.63
O5 GAL D . -2.70 -7.22 19.57
O6 GAL D . -4.83 -8.65 19.23
C1 MAN D . 10.92 -8.27 12.73
C2 MAN D . 11.14 -7.13 11.72
C3 MAN D . 11.67 -7.74 10.40
C4 MAN D . 12.86 -8.71 10.63
C5 MAN D . 12.56 -9.69 11.81
C6 MAN D . 13.76 -10.54 12.26
O2 MAN D . 12.12 -6.18 12.18
O3 MAN D . 12.01 -6.74 9.45
O4 MAN D . 13.10 -9.46 9.46
O5 MAN D . 12.11 -8.96 12.95
O6 MAN D . 13.27 -11.57 13.14
C1 FUC D . 4.59 -20.95 16.86
C2 FUC D . 3.87 -20.89 15.51
C3 FUC D . 4.77 -21.50 14.39
C4 FUC D . 5.17 -22.92 14.77
C5 FUC D . 5.89 -22.87 16.13
C6 FUC D . 6.34 -24.22 16.64
O2 FUC D . 3.43 -19.55 15.17
O3 FUC D . 4.10 -21.54 13.11
O4 FUC D . 4.02 -23.73 14.90
O5 FUC D . 5.00 -22.29 17.14
#